data_2HGS
#
_entry.id   2HGS
#
_cell.length_a   84.260
_cell.length_b   84.260
_cell.length_c   197.620
_cell.angle_alpha   90.00
_cell.angle_beta   90.00
_cell.angle_gamma   90.00
#
_symmetry.space_group_name_H-M   'P 41 2 2'
#
loop_
_entity.id
_entity.type
_entity.pdbx_description
1 polymer 'PROTEIN (GLUTATHIONE SYNTHETASE)'
2 non-polymer 'MAGNESIUM ION'
3 non-polymer 'SULFATE ION'
4 non-polymer "ADENOSINE-5'-DIPHOSPHATE"
5 non-polymer GLUTATHIONE
6 water water
#
_entity_poly.entity_id   1
_entity_poly.type   'polypeptide(L)'
_entity_poly.pdbx_seq_one_letter_code
;MATNWGSLLQDKQQLEELARQAVDRALAEGVLLRTSQEPTSSEVVSYAPFTLFPSLVPSALLEQAYAVQMDFNLLVDAVS
QNAAFLEQTLSSTIKQDDFTARLFDIHKQVLKEGIAQTVFLGLNRSDYMFQRSADGSPALKQIEINTISASFGGLASRTP
AVHRHVLSVLSKTKEAGKILSNNPSKGLALGIAKAWELYGSPNALVLLIAQEKERNIFDQRAIENELLARNIHVIRRTFE
DISEKGSLDQDRRLFVDGQEIAVVYFRDGYMPRQYSLQNWEARLLLERSHAAKCPDIATQLAGTKKVQQELSRPGMLEML
LPGQPEAVARLRATFAGLYSLDVGEEGDQAIAEALAAPSRFVLKPQREGGGNNLYGEEMVQALKQLKDSEERASYILMEK
IEPEPFENCLLRPGSPARVVQCISELGIFGVYVRQEKTLVMNKHVGHLLRTKAIEHADGGVAAGVAVLDNPYPV
;
_entity_poly.pdbx_strand_id   A
#
loop_
_chem_comp.id
_chem_comp.type
_chem_comp.name
_chem_comp.formula
ADP non-polymer ADENOSINE-5'-DIPHOSPHATE 'C10 H15 N5 O10 P2'
GSH non-polymer GLUTATHIONE 'C10 H17 N3 O6 S'
MG non-polymer 'MAGNESIUM ION' 'Mg 2'
SO4 non-polymer 'SULFATE ION' 'O4 S -2'
#
# COMPACT_ATOMS: atom_id res chain seq x y z
N THR A 3 -20.95 -19.42 6.80
CA THR A 3 -20.00 -18.50 7.45
C THR A 3 -18.83 -19.21 8.12
N ASN A 4 -19.05 -19.67 9.36
CA ASN A 4 -18.04 -20.30 10.17
C ASN A 4 -17.14 -21.28 9.49
N TRP A 5 -15.86 -20.90 9.38
CA TRP A 5 -14.90 -21.77 8.69
C TRP A 5 -14.32 -22.79 9.64
N GLY A 6 -14.21 -22.35 10.90
CA GLY A 6 -13.66 -23.26 11.91
C GLY A 6 -14.24 -24.66 11.81
N SER A 7 -15.54 -24.78 11.53
CA SER A 7 -16.19 -26.07 11.44
C SER A 7 -15.66 -26.94 10.31
N LEU A 8 -15.21 -26.35 9.21
CA LEU A 8 -14.69 -27.13 8.11
C LEU A 8 -13.22 -27.47 8.25
N LEU A 9 -12.55 -26.88 9.23
CA LEU A 9 -11.12 -27.08 9.45
C LEU A 9 -10.72 -28.14 10.44
N GLN A 10 -11.68 -28.82 11.06
CA GLN A 10 -11.34 -29.85 12.03
C GLN A 10 -11.09 -31.22 11.41
N ASP A 11 -11.55 -31.51 10.20
CA ASP A 11 -11.31 -32.84 9.61
C ASP A 11 -10.14 -32.86 8.63
N LYS A 12 -9.03 -33.45 9.04
CA LYS A 12 -7.78 -33.54 8.38
C LYS A 12 -7.64 -34.12 6.99
N GLN A 13 -8.33 -35.20 6.68
CA GLN A 13 -8.21 -35.76 5.34
C GLN A 13 -8.93 -34.77 4.40
N GLN A 14 -10.08 -34.25 4.80
CA GLN A 14 -10.78 -33.30 3.98
C GLN A 14 -9.99 -32.01 3.81
N LEU A 15 -9.20 -31.57 4.79
CA LEU A 15 -8.41 -30.33 4.71
C LEU A 15 -7.35 -30.43 3.62
N GLU A 16 -6.60 -31.51 3.71
CA GLU A 16 -5.55 -31.85 2.77
C GLU A 16 -6.15 -31.84 1.36
N GLU A 17 -7.40 -32.30 1.22
CA GLU A 17 -8.02 -32.35 -0.09
C GLU A 17 -8.52 -30.99 -0.54
N LEU A 18 -9.12 -30.19 0.35
CA LEU A 18 -9.57 -28.87 -0.10
C LEU A 18 -8.35 -27.99 -0.38
N ALA A 19 -7.27 -28.23 0.33
CA ALA A 19 -6.06 -27.39 0.13
C ALA A 19 -5.46 -27.71 -1.25
N ARG A 20 -5.47 -29.00 -1.57
CA ARG A 20 -4.96 -29.45 -2.88
C ARG A 20 -5.79 -28.80 -3.99
N GLN A 21 -7.11 -28.79 -3.78
CA GLN A 21 -8.01 -28.19 -4.72
C GLN A 21 -7.73 -26.71 -4.94
N ALA A 22 -7.60 -25.96 -3.83
CA ALA A 22 -7.38 -24.52 -3.83
C ALA A 22 -6.07 -24.16 -4.54
N VAL A 23 -5.05 -24.87 -4.11
CA VAL A 23 -3.72 -24.54 -4.70
C VAL A 23 -3.74 -24.73 -6.22
N ASP A 24 -4.31 -25.85 -6.68
CA ASP A 24 -4.27 -26.06 -8.15
C ASP A 24 -5.08 -25.02 -8.86
N ARG A 25 -6.24 -24.64 -8.33
CA ARG A 25 -7.09 -23.62 -8.96
C ARG A 25 -6.35 -22.26 -8.87
N ALA A 26 -5.67 -22.00 -7.74
CA ALA A 26 -4.96 -20.75 -7.63
C ALA A 26 -3.88 -20.65 -8.71
N LEU A 27 -3.10 -21.71 -8.91
CA LEU A 27 -2.06 -21.60 -9.97
C LEU A 27 -2.73 -21.46 -11.34
N ALA A 28 -3.81 -22.22 -11.59
CA ALA A 28 -4.45 -22.06 -12.90
C ALA A 28 -4.99 -20.66 -13.10
N GLU A 29 -5.41 -19.95 -12.02
CA GLU A 29 -5.96 -18.64 -12.24
C GLU A 29 -4.85 -17.61 -12.29
N GLY A 30 -3.57 -17.97 -12.23
CA GLY A 30 -2.55 -16.91 -12.27
C GLY A 30 -2.19 -16.22 -10.95
N VAL A 31 -2.50 -16.79 -9.82
CA VAL A 31 -2.16 -16.21 -8.49
C VAL A 31 -0.75 -16.70 -8.21
N LEU A 32 0.24 -16.07 -8.87
CA LEU A 32 1.59 -16.56 -8.75
C LEU A 32 2.63 -15.55 -8.26
N LEU A 33 3.71 -16.08 -7.74
CA LEU A 33 4.91 -15.35 -7.39
C LEU A 33 6.10 -16.19 -7.89
N ARG A 34 7.23 -15.52 -8.20
CA ARG A 34 8.40 -16.32 -8.51
C ARG A 34 8.82 -16.92 -7.17
N THR A 35 9.64 -17.95 -7.20
CA THR A 35 10.10 -18.59 -5.96
C THR A 35 11.08 -17.60 -5.30
N SER A 36 11.32 -17.82 -4.01
CA SER A 36 12.24 -16.91 -3.30
C SER A 36 13.67 -17.22 -3.73
N GLN A 37 13.95 -18.50 -4.02
CA GLN A 37 15.29 -18.86 -4.43
C GLN A 37 15.71 -18.32 -5.78
N GLU A 38 14.79 -17.95 -6.65
CA GLU A 38 15.15 -17.42 -7.96
C GLU A 38 14.25 -16.25 -8.33
N PRO A 39 14.31 -15.17 -7.58
CA PRO A 39 13.51 -13.98 -7.78
C PRO A 39 13.73 -13.30 -9.10
N THR A 40 14.70 -13.73 -9.89
CA THR A 40 14.86 -13.10 -11.21
C THR A 40 14.39 -14.06 -12.30
N SER A 41 13.91 -15.24 -11.94
CA SER A 41 13.50 -16.15 -12.98
C SER A 41 12.04 -16.55 -12.97
N SER A 42 11.39 -16.59 -14.13
CA SER A 42 10.03 -17.04 -14.30
C SER A 42 10.11 -18.48 -14.86
N GLU A 43 11.27 -19.11 -14.78
CA GLU A 43 11.36 -20.49 -15.32
C GLU A 43 10.62 -21.43 -14.38
N VAL A 44 10.47 -21.00 -13.12
CA VAL A 44 9.81 -21.76 -12.06
C VAL A 44 9.06 -20.79 -11.15
N VAL A 45 7.85 -21.03 -10.70
CA VAL A 45 7.03 -20.17 -9.86
C VAL A 45 6.14 -20.97 -8.92
N SER A 46 5.43 -20.32 -8.00
CA SER A 46 4.49 -20.89 -7.10
C SER A 46 3.30 -19.95 -6.90
N TYR A 47 2.39 -20.38 -6.06
CA TYR A 47 1.19 -19.67 -5.72
C TYR A 47 1.60 -18.61 -4.68
N ALA A 48 0.92 -17.51 -4.69
CA ALA A 48 1.15 -16.46 -3.69
C ALA A 48 0.36 -17.02 -2.51
N PRO A 49 0.77 -16.73 -1.28
CA PRO A 49 0.09 -17.25 -0.11
C PRO A 49 -1.35 -16.78 -0.08
N PHE A 50 -2.26 -17.62 0.44
CA PHE A 50 -3.67 -17.23 0.45
C PHE A 50 -4.45 -18.02 1.46
N THR A 51 -5.66 -17.52 1.82
CA THR A 51 -6.43 -18.32 2.77
C THR A 51 -7.25 -19.37 2.02
N LEU A 52 -7.56 -20.44 2.71
CA LEU A 52 -8.37 -21.51 2.14
C LEU A 52 -9.78 -20.99 1.95
N PHE A 53 -10.30 -20.17 2.87
CA PHE A 53 -11.65 -19.65 2.74
C PHE A 53 -11.63 -18.11 2.83
N PRO A 54 -12.66 -17.45 2.34
CA PRO A 54 -12.70 -15.99 2.39
C PRO A 54 -13.10 -15.52 3.79
N SER A 55 -12.36 -14.66 4.45
CA SER A 55 -12.71 -14.20 5.81
C SER A 55 -13.95 -13.34 5.89
N LEU A 56 -14.80 -13.57 6.87
CA LEU A 56 -16.01 -12.79 7.06
C LEU A 56 -15.66 -11.32 7.35
N VAL A 57 -16.40 -10.46 6.67
CA VAL A 57 -16.13 -9.02 6.90
C VAL A 57 -17.51 -8.35 6.98
N PRO A 58 -17.74 -7.54 7.99
CA PRO A 58 -19.00 -6.80 8.14
C PRO A 58 -19.26 -5.97 6.88
N SER A 59 -20.37 -6.19 6.17
CA SER A 59 -20.63 -5.42 4.94
C SER A 59 -20.63 -3.92 5.16
N ALA A 60 -21.14 -3.44 6.29
CA ALA A 60 -21.14 -2.01 6.56
C ALA A 60 -19.75 -1.41 6.62
N LEU A 61 -18.79 -2.15 7.17
CA LEU A 61 -17.43 -1.55 7.21
C LEU A 61 -16.76 -1.51 5.86
N LEU A 62 -17.06 -2.54 5.06
CA LEU A 62 -16.52 -2.62 3.71
C LEU A 62 -17.13 -1.48 2.90
N GLU A 63 -18.42 -1.19 3.12
CA GLU A 63 -19.06 -0.10 2.39
C GLU A 63 -18.43 1.23 2.79
N GLN A 64 -18.18 1.39 4.08
CA GLN A 64 -17.59 2.57 4.69
C GLN A 64 -16.20 2.84 4.16
N ALA A 65 -15.39 1.81 4.02
CA ALA A 65 -14.03 1.91 3.50
C ALA A 65 -14.07 2.38 2.05
N TYR A 66 -15.06 1.88 1.32
CA TYR A 66 -15.23 2.28 -0.08
C TYR A 66 -15.72 3.74 -0.15
N ALA A 67 -16.69 4.14 0.69
CA ALA A 67 -17.20 5.52 0.69
C ALA A 67 -16.19 6.56 1.10
N VAL A 68 -15.06 6.22 1.71
CA VAL A 68 -14.07 7.24 2.04
C VAL A 68 -12.89 7.27 1.13
N GLN A 69 -12.76 6.38 0.13
CA GLN A 69 -11.56 6.40 -0.72
C GLN A 69 -11.43 7.69 -1.51
N MET A 70 -12.55 8.10 -2.12
CA MET A 70 -12.45 9.34 -2.91
C MET A 70 -11.99 10.47 -1.98
N ASP A 71 -12.40 10.48 -0.71
CA ASP A 71 -11.94 11.53 0.22
C ASP A 71 -10.44 11.43 0.48
N PHE A 72 -9.93 10.20 0.70
CA PHE A 72 -8.49 10.04 0.93
C PHE A 72 -7.69 10.40 -0.30
N ASN A 73 -8.18 10.08 -1.51
CA ASN A 73 -7.41 10.48 -2.71
C ASN A 73 -7.36 12.03 -2.68
N LEU A 74 -8.46 12.68 -2.35
CA LEU A 74 -8.38 14.19 -2.34
C LEU A 74 -7.37 14.68 -1.33
N LEU A 75 -7.42 14.03 -0.14
CA LEU A 75 -6.52 14.41 0.95
C LEU A 75 -5.08 14.23 0.58
N VAL A 76 -4.74 13.03 0.05
CA VAL A 76 -3.32 12.83 -0.27
C VAL A 76 -2.87 13.85 -1.30
N ASP A 77 -3.76 14.14 -2.26
CA ASP A 77 -3.39 15.09 -3.33
C ASP A 77 -3.27 16.51 -2.77
N ALA A 78 -4.06 16.90 -1.79
CA ALA A 78 -3.89 18.26 -1.21
C ALA A 78 -2.57 18.33 -0.46
N VAL A 79 -2.27 17.23 0.28
CA VAL A 79 -0.99 17.26 0.98
C VAL A 79 0.20 17.44 0.08
N SER A 80 0.23 16.66 -1.01
CA SER A 80 1.39 16.71 -1.91
C SER A 80 1.51 18.10 -2.53
N GLN A 81 0.38 18.80 -2.67
CA GLN A 81 0.58 20.15 -3.27
C GLN A 81 0.92 21.24 -2.26
N ASN A 82 0.57 21.08 -0.98
CA ASN A 82 0.84 22.14 0.06
C ASN A 82 2.27 22.00 0.52
N ALA A 83 3.17 22.82 -0.01
CA ALA A 83 4.56 22.64 0.42
C ALA A 83 4.83 23.00 1.87
N ALA A 84 4.18 24.04 2.42
CA ALA A 84 4.49 24.48 3.76
C ALA A 84 4.11 23.40 4.77
N PHE A 85 2.95 22.80 4.47
CA PHE A 85 2.54 21.71 5.36
C PHE A 85 3.59 20.62 5.44
N LEU A 86 4.12 20.17 4.30
CA LEU A 86 5.12 19.10 4.28
C LEU A 86 6.42 19.49 4.92
N GLU A 87 6.86 20.74 4.66
CA GLU A 87 8.14 21.06 5.31
C GLU A 87 7.94 21.11 6.83
N GLN A 88 6.90 21.82 7.30
CA GLN A 88 6.68 21.95 8.75
C GLN A 88 6.49 20.56 9.35
N THR A 89 5.58 19.76 8.74
CA THR A 89 5.38 18.36 9.24
C THR A 89 6.63 17.54 9.39
N LEU A 90 7.46 17.58 8.34
CA LEU A 90 8.69 16.77 8.31
C LEU A 90 9.90 17.48 8.78
N SER A 91 9.77 18.76 9.19
CA SER A 91 10.96 19.47 9.64
C SER A 91 11.78 18.68 10.65
N SER A 92 11.11 18.14 11.67
CA SER A 92 11.94 17.40 12.62
C SER A 92 12.37 16.03 12.16
N THR A 93 11.53 15.38 11.36
CA THR A 93 11.90 14.01 10.92
C THR A 93 13.17 14.06 10.10
N ILE A 94 13.24 14.99 9.14
CA ILE A 94 14.38 15.10 8.28
C ILE A 94 15.69 15.41 8.94
N LYS A 95 15.74 15.82 10.20
CA LYS A 95 17.06 16.06 10.81
C LYS A 95 17.52 14.75 11.42
N GLN A 96 16.52 13.89 11.65
CA GLN A 96 16.91 12.60 12.25
C GLN A 96 16.85 11.42 11.30
N ASP A 97 16.12 11.53 10.17
CA ASP A 97 16.03 10.28 9.33
C ASP A 97 16.61 10.52 7.96
N ASP A 98 17.77 9.87 7.73
CA ASP A 98 18.40 10.12 6.42
C ASP A 98 17.51 9.86 5.22
N PHE A 99 16.82 8.69 5.22
CA PHE A 99 15.93 8.39 4.11
C PHE A 99 14.86 9.43 3.94
N THR A 100 14.14 9.88 5.00
CA THR A 100 13.15 10.92 4.71
C THR A 100 13.79 12.24 4.25
N ALA A 101 15.04 12.49 4.67
CA ALA A 101 15.80 13.68 4.28
C ALA A 101 16.07 13.67 2.79
N ARG A 102 16.55 12.53 2.28
CA ARG A 102 16.77 12.43 0.84
C ARG A 102 15.52 12.56 0.04
N LEU A 103 14.45 11.85 0.45
CA LEU A 103 13.21 12.01 -0.30
C LEU A 103 12.85 13.51 -0.28
N PHE A 104 12.79 14.08 0.92
CA PHE A 104 12.44 15.51 1.03
C PHE A 104 13.36 16.41 0.22
N ASP A 105 14.67 16.12 0.23
CA ASP A 105 15.59 16.96 -0.54
C ASP A 105 15.34 16.92 -2.02
N ILE A 106 14.76 15.82 -2.54
CA ILE A 106 14.50 15.80 -3.99
C ILE A 106 13.30 16.66 -4.28
N HIS A 107 12.35 16.55 -3.33
CA HIS A 107 11.11 17.35 -3.41
C HIS A 107 11.51 18.85 -3.43
N LYS A 108 12.50 19.21 -2.61
CA LYS A 108 12.94 20.60 -2.56
C LYS A 108 13.64 21.01 -3.86
N GLN A 109 14.62 20.23 -4.32
CA GLN A 109 15.29 20.62 -5.56
C GLN A 109 14.28 20.78 -6.67
N VAL A 110 13.30 19.91 -6.74
CA VAL A 110 12.28 19.97 -7.78
C VAL A 110 11.42 21.21 -7.64
N LEU A 111 11.14 21.59 -6.40
CA LEU A 111 10.31 22.75 -6.15
C LEU A 111 11.05 24.01 -6.66
N LYS A 112 12.32 23.98 -6.40
CA LYS A 112 13.28 24.99 -6.73
C LYS A 112 13.41 25.21 -8.22
N GLU A 113 13.64 24.11 -8.95
CA GLU A 113 13.74 24.22 -10.40
C GLU A 113 12.39 24.50 -11.01
N GLY A 114 11.30 24.22 -10.33
CA GLY A 114 9.94 24.39 -10.89
C GLY A 114 9.58 22.94 -11.34
N ILE A 115 8.35 22.49 -11.19
CA ILE A 115 7.91 21.14 -11.56
C ILE A 115 7.77 21.04 -13.09
N ALA A 116 8.44 20.11 -13.79
CA ALA A 116 8.32 20.02 -15.25
C ALA A 116 7.01 19.40 -15.69
N GLN A 117 6.58 18.39 -15.01
CA GLN A 117 5.39 17.60 -15.22
C GLN A 117 4.18 18.50 -15.12
N THR A 118 3.17 18.22 -15.92
CA THR A 118 1.89 18.94 -15.94
C THR A 118 0.75 17.97 -15.72
N VAL A 119 1.07 16.68 -15.58
CA VAL A 119 0.03 15.62 -15.41
C VAL A 119 0.34 14.93 -14.10
N PHE A 120 -0.66 14.68 -13.24
CA PHE A 120 -0.27 14.12 -11.93
C PHE A 120 -1.16 12.92 -11.65
N LEU A 121 -0.63 11.90 -10.95
CA LEU A 121 -1.64 10.84 -10.70
C LEU A 121 -1.27 10.09 -9.44
N GLY A 122 -2.27 9.48 -8.83
CA GLY A 122 -1.86 8.65 -7.66
C GLY A 122 -2.54 7.29 -7.77
N LEU A 123 -1.83 6.19 -7.57
CA LEU A 123 -2.43 4.85 -7.51
C LEU A 123 -2.15 4.48 -6.03
N ASN A 124 -3.14 4.33 -5.17
CA ASN A 124 -2.78 4.05 -3.78
C ASN A 124 -3.66 2.96 -3.18
N ARG A 125 -3.35 2.62 -1.92
CA ARG A 125 -4.18 1.66 -1.20
C ARG A 125 -4.30 2.15 0.25
N SER A 126 -5.49 2.33 0.77
CA SER A 126 -5.78 2.71 2.14
C SER A 126 -6.22 1.46 2.91
N ASP A 127 -5.46 1.12 3.95
CA ASP A 127 -5.61 -0.06 4.77
C ASP A 127 -6.29 0.14 6.12
N TYR A 128 -7.26 -0.71 6.44
CA TYR A 128 -7.99 -0.54 7.71
C TYR A 128 -8.07 -1.88 8.43
N MET A 129 -8.28 -1.75 9.74
CA MET A 129 -8.56 -2.89 10.59
C MET A 129 -9.93 -2.66 11.27
N PHE A 130 -10.46 -3.71 11.89
CA PHE A 130 -11.76 -3.61 12.52
C PHE A 130 -11.65 -3.65 14.05
N GLN A 131 -11.86 -2.48 14.62
CA GLN A 131 -11.68 -2.33 16.06
C GLN A 131 -12.92 -2.63 16.85
N ARG A 132 -12.78 -3.42 17.89
CA ARG A 132 -13.93 -3.74 18.75
C ARG A 132 -14.26 -2.42 19.43
N SER A 133 -15.49 -1.94 19.31
CA SER A 133 -15.81 -0.64 19.92
C SER A 133 -16.69 -0.79 21.17
N ALA A 134 -17.06 0.36 21.73
CA ALA A 134 -17.92 0.45 22.91
C ALA A 134 -19.06 -0.57 22.90
N ASP A 135 -20.02 -0.34 22.00
CA ASP A 135 -21.16 -1.24 21.86
C ASP A 135 -20.65 -2.68 21.72
N GLY A 136 -19.74 -2.87 20.77
CA GLY A 136 -19.17 -4.18 20.46
C GLY A 136 -19.04 -4.18 18.92
N SER A 137 -19.78 -3.21 18.36
CA SER A 137 -19.77 -3.01 16.92
C SER A 137 -18.30 -2.74 16.57
N PRO A 138 -17.86 -3.43 15.53
CA PRO A 138 -16.49 -3.24 15.06
C PRO A 138 -16.52 -1.90 14.32
N ALA A 139 -15.49 -1.09 14.40
CA ALA A 139 -15.47 0.21 13.75
C ALA A 139 -14.26 0.20 12.77
N LEU A 140 -14.46 0.84 11.62
CA LEU A 140 -13.39 0.90 10.65
C LEU A 140 -12.32 1.88 11.07
N LYS A 141 -11.09 1.40 11.24
CA LYS A 141 -9.99 2.30 11.63
C LYS A 141 -8.81 2.15 10.67
N GLN A 142 -8.28 3.29 10.22
CA GLN A 142 -7.18 3.31 9.29
C GLN A 142 -5.88 2.87 9.89
N ILE A 143 -5.18 1.98 9.17
CA ILE A 143 -3.88 1.55 9.71
C ILE A 143 -2.79 2.44 9.11
N GLU A 144 -2.88 2.73 7.83
CA GLU A 144 -1.98 3.52 7.05
C GLU A 144 -2.57 3.75 5.67
N ILE A 145 -1.88 4.62 4.93
CA ILE A 145 -2.28 4.87 3.54
C ILE A 145 -1.04 4.59 2.70
N ASN A 146 -1.14 3.85 1.61
CA ASN A 146 0.09 3.50 0.84
C ASN A 146 0.09 4.26 -0.47
N THR A 147 1.05 5.20 -0.60
CA THR A 147 1.04 6.01 -1.82
C THR A 147 2.16 5.75 -2.82
N ILE A 148 3.03 4.82 -2.51
CA ILE A 148 4.04 4.40 -3.46
C ILE A 148 4.01 2.87 -3.67
N SER A 149 4.04 2.36 -4.92
CA SER A 149 4.07 0.92 -5.19
C SER A 149 3.00 0.09 -4.52
N ALA A 150 1.76 0.59 -4.57
CA ALA A 150 0.61 -0.03 -3.92
C ALA A 150 0.33 -1.34 -4.66
N SER A 151 0.75 -2.41 -4.02
CA SER A 151 0.63 -3.68 -4.73
C SER A 151 -0.44 -4.69 -4.38
N PHE A 152 -0.43 -5.76 -5.20
CA PHE A 152 -1.31 -6.91 -5.06
C PHE A 152 -2.68 -6.77 -5.62
N GLY A 153 -2.87 -5.69 -6.39
CA GLY A 153 -4.13 -5.40 -7.04
C GLY A 153 -4.27 -6.34 -8.27
N GLY A 154 -3.16 -6.83 -8.81
CA GLY A 154 -3.36 -7.71 -9.99
C GLY A 154 -3.78 -9.09 -9.51
N LEU A 155 -3.05 -9.61 -8.53
CA LEU A 155 -3.34 -10.92 -7.99
C LEU A 155 -4.72 -10.98 -7.34
N ALA A 156 -5.15 -9.85 -6.77
CA ALA A 156 -6.44 -9.82 -6.10
C ALA A 156 -7.57 -9.95 -7.08
N SER A 157 -7.28 -9.59 -8.33
CA SER A 157 -8.38 -9.78 -9.31
C SER A 157 -8.56 -11.27 -9.62
N ARG A 158 -7.58 -12.10 -9.35
CA ARG A 158 -7.56 -13.50 -9.64
C ARG A 158 -7.97 -14.49 -8.58
N THR A 159 -8.04 -14.06 -7.31
CA THR A 159 -8.33 -15.02 -6.24
C THR A 159 -9.76 -15.36 -5.95
N PRO A 160 -10.71 -14.54 -6.31
CA PRO A 160 -12.12 -14.84 -6.01
C PRO A 160 -12.54 -16.17 -6.62
N ALA A 161 -12.12 -16.40 -7.86
CA ALA A 161 -12.43 -17.65 -8.59
C ALA A 161 -11.92 -18.81 -7.73
N VAL A 162 -10.80 -18.62 -7.04
CA VAL A 162 -10.21 -19.60 -6.15
C VAL A 162 -11.09 -19.87 -4.97
N HIS A 163 -11.61 -18.83 -4.25
CA HIS A 163 -12.51 -19.15 -3.14
C HIS A 163 -13.83 -19.74 -3.60
N ARG A 164 -14.40 -19.27 -4.72
CA ARG A 164 -15.63 -19.86 -5.22
C ARG A 164 -15.41 -21.38 -5.42
N HIS A 165 -14.25 -21.73 -6.01
CA HIS A 165 -13.90 -23.09 -6.27
C HIS A 165 -13.93 -23.93 -4.99
N VAL A 166 -13.21 -23.47 -3.97
CA VAL A 166 -13.17 -24.22 -2.72
C VAL A 166 -14.57 -24.43 -2.17
N LEU A 167 -15.40 -23.40 -2.20
CA LEU A 167 -16.75 -23.62 -1.67
C LEU A 167 -17.53 -24.58 -2.57
N SER A 168 -17.36 -24.52 -3.89
CA SER A 168 -18.09 -25.37 -4.83
C SER A 168 -17.79 -26.83 -4.60
N VAL A 169 -16.51 -27.09 -4.29
CA VAL A 169 -16.10 -28.47 -4.02
C VAL A 169 -16.93 -29.08 -2.90
N LEU A 170 -17.28 -28.27 -1.92
CA LEU A 170 -18.08 -28.66 -0.77
C LEU A 170 -19.56 -28.45 -1.03
N SER A 171 -19.97 -28.13 -2.23
CA SER A 171 -21.36 -27.94 -2.56
C SER A 171 -22.00 -26.81 -1.82
N LYS A 172 -21.21 -25.79 -1.51
CA LYS A 172 -21.76 -24.60 -0.84
C LYS A 172 -21.86 -23.55 -1.94
N THR A 173 -22.75 -23.82 -2.89
CA THR A 173 -22.95 -22.92 -4.02
C THR A 173 -23.49 -21.55 -3.68
N LYS A 174 -24.18 -21.46 -2.58
CA LYS A 174 -24.82 -20.28 -2.00
C LYS A 174 -23.70 -19.35 -1.55
N GLU A 175 -22.87 -19.79 -0.63
CA GLU A 175 -21.70 -19.08 -0.16
C GLU A 175 -20.76 -18.74 -1.33
N ALA A 176 -20.47 -19.73 -2.19
CA ALA A 176 -19.57 -19.45 -3.33
C ALA A 176 -20.12 -18.24 -4.07
N GLY A 177 -21.44 -18.21 -4.21
CA GLY A 177 -22.11 -17.13 -4.90
C GLY A 177 -22.01 -15.78 -4.19
N LYS A 178 -21.56 -15.72 -2.95
CA LYS A 178 -21.54 -14.42 -2.28
C LYS A 178 -20.18 -13.74 -2.33
N ILE A 179 -19.21 -14.52 -2.79
CA ILE A 179 -17.86 -13.94 -2.87
C ILE A 179 -17.96 -12.76 -3.81
N LEU A 180 -17.28 -11.63 -3.53
CA LEU A 180 -17.36 -10.51 -4.46
C LEU A 180 -16.27 -10.63 -5.54
N SER A 181 -16.70 -10.33 -6.78
CA SER A 181 -15.74 -10.31 -7.88
C SER A 181 -14.99 -8.99 -7.68
N ASN A 182 -13.73 -8.93 -8.04
CA ASN A 182 -12.91 -7.77 -7.81
C ASN A 182 -11.85 -7.65 -8.89
N ASN A 183 -11.68 -6.46 -9.44
CA ASN A 183 -10.70 -6.27 -10.51
C ASN A 183 -9.94 -4.98 -10.39
N PRO A 184 -9.09 -4.85 -9.37
CA PRO A 184 -8.36 -3.61 -9.20
C PRO A 184 -7.35 -3.27 -10.27
N SER A 185 -6.60 -4.24 -10.81
CA SER A 185 -5.58 -3.89 -11.80
C SER A 185 -6.22 -3.22 -13.02
N LYS A 186 -7.47 -3.50 -13.37
CA LYS A 186 -8.06 -2.83 -14.52
C LYS A 186 -8.06 -1.32 -14.22
N GLY A 187 -8.57 -0.98 -13.04
CA GLY A 187 -8.73 0.37 -12.54
C GLY A 187 -7.40 1.04 -12.34
N LEU A 188 -6.41 0.36 -11.76
CA LEU A 188 -5.11 0.96 -11.63
C LEU A 188 -4.56 1.29 -13.01
N ALA A 189 -4.72 0.36 -13.96
CA ALA A 189 -4.22 0.57 -15.32
C ALA A 189 -4.89 1.76 -16.02
N LEU A 190 -6.16 1.95 -15.77
CA LEU A 190 -6.92 3.01 -16.38
C LEU A 190 -6.41 4.38 -15.98
N GLY A 191 -5.85 4.46 -14.77
CA GLY A 191 -5.27 5.68 -14.27
C GLY A 191 -3.99 5.96 -15.03
N ILE A 192 -3.07 5.01 -15.11
CA ILE A 192 -1.84 5.24 -15.91
C ILE A 192 -2.30 5.55 -17.36
N ALA A 193 -3.33 4.88 -17.89
CA ALA A 193 -3.83 5.12 -19.24
C ALA A 193 -4.25 6.58 -19.43
N LYS A 194 -5.03 7.08 -18.47
CA LYS A 194 -5.50 8.43 -18.49
C LYS A 194 -4.32 9.38 -18.51
N ALA A 195 -3.37 9.16 -17.62
CA ALA A 195 -2.17 9.96 -17.54
C ALA A 195 -1.35 9.92 -18.84
N TRP A 196 -1.34 8.77 -19.51
CA TRP A 196 -0.57 8.66 -20.76
C TRP A 196 -1.33 9.47 -21.82
N GLU A 197 -2.64 9.39 -21.80
CA GLU A 197 -3.46 10.03 -22.79
C GLU A 197 -3.18 11.54 -22.78
N LEU A 198 -3.31 12.06 -21.55
CA LEU A 198 -3.09 13.46 -21.24
C LEU A 198 -1.69 13.87 -21.54
N TYR A 199 -0.68 13.06 -21.28
CA TYR A 199 0.68 13.49 -21.65
C TYR A 199 0.61 13.84 -23.14
N GLY A 200 -0.12 13.04 -23.93
CA GLY A 200 -0.36 13.26 -25.31
C GLY A 200 0.56 12.84 -26.41
N SER A 201 1.50 11.94 -26.20
CA SER A 201 2.42 11.45 -27.23
C SER A 201 2.07 10.00 -27.59
N PRO A 202 1.44 9.77 -28.72
CA PRO A 202 1.03 8.47 -29.20
C PRO A 202 2.03 7.33 -29.09
N ASN A 203 3.30 7.61 -29.27
CA ASN A 203 4.31 6.57 -29.17
C ASN A 203 5.16 6.63 -27.93
N ALA A 204 4.70 7.32 -26.87
CA ALA A 204 5.51 7.39 -25.64
C ALA A 204 5.15 6.16 -24.81
N LEU A 205 6.10 5.65 -24.06
CA LEU A 205 5.83 4.46 -23.25
C LEU A 205 5.53 4.78 -21.78
N VAL A 206 5.04 3.79 -21.07
CA VAL A 206 4.81 3.92 -19.62
C VAL A 206 6.11 3.29 -19.10
N LEU A 207 6.81 3.86 -18.16
CA LEU A 207 8.05 3.25 -17.68
C LEU A 207 7.77 2.68 -16.29
N LEU A 208 7.98 1.37 -16.13
CA LEU A 208 7.74 0.71 -14.83
C LEU A 208 9.05 0.53 -14.13
N ILE A 209 9.13 1.15 -12.91
CA ILE A 209 10.43 1.02 -12.25
C ILE A 209 10.40 -0.18 -11.32
N ALA A 210 11.19 -1.21 -11.63
CA ALA A 210 11.25 -2.42 -10.81
C ALA A 210 12.63 -2.97 -10.73
N GLN A 211 13.01 -3.56 -9.62
CA GLN A 211 14.31 -4.18 -9.46
C GLN A 211 14.29 -5.52 -10.25
N GLU A 212 15.47 -6.03 -10.53
CA GLU A 212 15.63 -7.28 -11.25
C GLU A 212 15.15 -8.42 -10.36
N LYS A 213 15.53 -8.47 -9.09
CA LYS A 213 14.98 -9.52 -8.22
C LYS A 213 13.58 -9.03 -7.84
N GLU A 214 12.54 -9.59 -8.44
CA GLU A 214 11.18 -9.16 -8.12
C GLU A 214 10.27 -10.41 -8.14
N ARG A 215 9.91 -10.94 -7.00
CA ARG A 215 9.09 -12.15 -6.95
C ARG A 215 7.67 -11.80 -7.39
N ASN A 216 7.31 -10.53 -7.16
CA ASN A 216 5.93 -10.18 -7.53
C ASN A 216 5.75 -9.67 -8.95
N ILE A 217 6.49 -10.17 -9.92
CA ILE A 217 6.36 -9.67 -11.31
C ILE A 217 4.99 -9.86 -11.88
N PHE A 218 4.31 -11.00 -11.63
CA PHE A 218 3.00 -11.26 -12.19
C PHE A 218 1.97 -10.22 -11.80
N ASP A 219 2.06 -9.79 -10.57
CA ASP A 219 1.08 -8.75 -10.12
C ASP A 219 1.34 -7.48 -10.94
N GLN A 220 2.58 -7.12 -11.29
CA GLN A 220 2.91 -5.95 -12.10
C GLN A 220 2.47 -6.19 -13.53
N ARG A 221 2.76 -7.41 -14.07
CA ARG A 221 2.35 -7.75 -15.43
C ARG A 221 0.86 -7.57 -15.66
N ALA A 222 0.11 -7.82 -14.58
CA ALA A 222 -1.35 -7.64 -14.74
C ALA A 222 -1.68 -6.22 -15.15
N ILE A 223 -0.94 -5.26 -14.56
CA ILE A 223 -1.30 -3.88 -14.98
C ILE A 223 -0.83 -3.76 -16.43
N GLU A 224 0.38 -4.25 -16.73
CA GLU A 224 0.90 -4.15 -18.08
C GLU A 224 -0.04 -4.77 -19.12
N ASN A 225 -0.78 -5.81 -18.78
CA ASN A 225 -1.69 -6.52 -19.67
C ASN A 225 -2.88 -5.64 -19.98
N GLU A 226 -3.37 -5.01 -18.89
CA GLU A 226 -4.47 -4.08 -19.13
C GLU A 226 -3.93 -2.91 -19.98
N LEU A 227 -2.70 -2.41 -19.80
CA LEU A 227 -2.26 -1.33 -20.66
C LEU A 227 -2.14 -1.72 -22.13
N LEU A 228 -1.45 -2.85 -22.30
CA LEU A 228 -1.21 -3.45 -23.58
C LEU A 228 -2.51 -3.67 -24.33
N ALA A 229 -3.62 -3.96 -23.65
CA ALA A 229 -4.88 -4.15 -24.33
C ALA A 229 -5.46 -2.86 -24.89
N ARG A 230 -4.90 -1.75 -24.47
CA ARG A 230 -5.35 -0.43 -24.92
C ARG A 230 -4.23 0.18 -25.73
N ASN A 231 -3.30 -0.67 -26.16
CA ASN A 231 -2.20 -0.30 -27.01
C ASN A 231 -1.24 0.71 -26.41
N ILE A 232 -1.02 0.60 -25.10
CA ILE A 232 -0.06 1.46 -24.39
C ILE A 232 1.04 0.49 -24.00
N HIS A 233 2.30 0.71 -24.34
CA HIS A 233 3.35 -0.23 -24.02
C HIS A 233 4.15 0.19 -22.79
N VAL A 234 4.56 -0.81 -22.03
CA VAL A 234 5.35 -0.56 -20.83
C VAL A 234 6.76 -1.10 -21.02
N ILE A 235 7.74 -0.42 -20.49
CA ILE A 235 9.07 -0.95 -20.51
C ILE A 235 9.41 -1.03 -18.99
N ARG A 236 10.04 -2.11 -18.58
CA ARG A 236 10.45 -2.32 -17.21
C ARG A 236 11.93 -2.01 -17.07
N ARG A 237 12.30 -1.22 -16.06
CA ARG A 237 13.72 -0.88 -15.91
C ARG A 237 13.97 -0.61 -14.43
N THR A 238 15.22 -0.81 -14.07
CA THR A 238 15.68 -0.54 -12.73
C THR A 238 16.22 0.93 -12.67
N PHE A 239 16.39 1.45 -11.47
CA PHE A 239 16.97 2.79 -11.27
C PHE A 239 18.39 2.77 -11.93
N GLU A 240 19.14 1.71 -11.71
CA GLU A 240 20.45 1.57 -12.33
C GLU A 240 20.29 1.72 -13.85
N ASP A 241 19.26 1.16 -14.46
CA ASP A 241 19.12 1.32 -15.91
C ASP A 241 18.91 2.80 -16.26
N ILE A 242 18.22 3.54 -15.38
CA ILE A 242 17.90 4.91 -15.67
C ILE A 242 19.14 5.81 -15.70
N SER A 243 20.03 5.51 -14.80
CA SER A 243 21.25 6.26 -14.67
C SER A 243 22.15 6.05 -15.88
N GLU A 244 22.10 4.82 -16.40
CA GLU A 244 22.96 4.48 -17.52
C GLU A 244 22.35 4.97 -18.81
N LYS A 245 21.02 4.96 -18.91
CA LYS A 245 20.35 5.31 -20.13
C LYS A 245 19.24 6.32 -20.06
N GLY A 246 18.98 6.94 -18.90
CA GLY A 246 17.89 7.93 -18.95
C GLY A 246 18.57 9.30 -19.15
N SER A 247 17.84 10.20 -19.77
CA SER A 247 18.31 11.54 -20.08
C SER A 247 17.10 12.45 -20.28
N LEU A 248 17.32 13.76 -20.13
CA LEU A 248 16.22 14.72 -20.32
C LEU A 248 16.45 15.54 -21.59
N ASP A 249 15.43 15.94 -22.35
CA ASP A 249 15.78 16.73 -23.52
C ASP A 249 15.86 18.20 -23.09
N GLN A 250 15.42 19.10 -23.96
CA GLN A 250 15.48 20.53 -23.68
C GLN A 250 14.23 20.93 -22.92
N ASP A 251 13.10 20.32 -23.29
CA ASP A 251 11.85 20.64 -22.59
C ASP A 251 11.67 19.75 -21.36
N ARG A 252 12.74 19.12 -20.92
CA ARG A 252 12.81 18.19 -19.82
C ARG A 252 12.01 16.92 -20.09
N ARG A 253 12.00 16.51 -21.36
CA ARG A 253 11.27 15.27 -21.68
C ARG A 253 12.14 14.10 -21.30
N LEU A 254 11.51 13.08 -20.72
CA LEU A 254 12.36 11.94 -20.30
C LEU A 254 12.56 10.97 -21.49
N PHE A 255 13.79 10.55 -21.73
CA PHE A 255 14.00 9.58 -22.81
C PHE A 255 14.74 8.37 -22.26
N VAL A 256 14.25 7.19 -22.68
CA VAL A 256 14.97 6.00 -22.21
C VAL A 256 15.34 5.20 -23.47
N ASP A 257 16.62 4.91 -23.68
CA ASP A 257 16.99 4.18 -24.89
C ASP A 257 16.42 4.91 -26.11
N GLY A 258 16.37 6.24 -26.10
CA GLY A 258 15.81 6.97 -27.21
C GLY A 258 14.30 6.99 -27.25
N GLN A 259 13.61 6.29 -26.34
CA GLN A 259 12.16 6.35 -26.40
C GLN A 259 11.63 7.30 -25.33
N GLU A 260 10.58 8.02 -25.70
CA GLU A 260 9.96 8.98 -24.84
C GLU A 260 9.02 8.36 -23.82
N ILE A 261 9.27 8.67 -22.55
CA ILE A 261 8.45 8.24 -21.43
C ILE A 261 7.34 9.19 -21.04
N ALA A 262 6.10 8.75 -20.94
CA ALA A 262 4.98 9.56 -20.56
C ALA A 262 4.64 9.47 -19.07
N VAL A 263 4.70 8.25 -18.52
CA VAL A 263 4.41 8.00 -17.12
C VAL A 263 5.50 7.14 -16.50
N VAL A 264 5.89 7.44 -15.28
CA VAL A 264 6.93 6.70 -14.51
C VAL A 264 6.14 6.10 -13.35
N TYR A 265 5.93 4.77 -13.42
CA TYR A 265 5.15 4.03 -12.44
C TYR A 265 6.10 3.37 -11.47
N PHE A 266 6.28 3.84 -10.23
CA PHE A 266 7.23 3.20 -9.33
C PHE A 266 6.80 1.91 -8.65
N ARG A 267 7.63 0.86 -8.83
CA ARG A 267 7.32 -0.37 -8.13
C ARG A 267 8.46 -0.58 -7.15
N ASP A 268 9.48 0.26 -7.20
CA ASP A 268 10.62 0.10 -6.29
C ASP A 268 10.85 1.53 -5.71
N GLY A 269 11.71 1.64 -4.74
CA GLY A 269 12.08 2.89 -4.12
C GLY A 269 11.33 3.39 -2.93
N TYR A 270 10.75 2.51 -2.12
CA TYR A 270 10.01 2.96 -0.94
C TYR A 270 10.83 2.63 0.29
N MET A 271 12.01 2.06 0.12
CA MET A 271 12.85 1.74 1.30
C MET A 271 14.29 2.17 1.00
N PRO A 272 15.05 2.57 2.01
CA PRO A 272 16.42 2.99 1.84
C PRO A 272 17.33 1.99 1.19
N ARG A 273 17.20 0.70 1.53
CA ARG A 273 18.03 -0.35 0.91
C ARG A 273 17.90 -0.37 -0.62
N GLN A 274 16.93 0.19 -1.25
CA GLN A 274 16.76 0.17 -2.71
C GLN A 274 17.53 1.26 -3.41
N TYR A 275 18.18 2.16 -2.67
CA TYR A 275 18.90 3.27 -3.26
C TYR A 275 20.38 3.41 -2.96
N SER A 276 21.19 3.34 -3.97
CA SER A 276 22.64 3.61 -3.83
C SER A 276 22.69 5.11 -4.21
N LEU A 277 23.89 5.66 -4.21
CA LEU A 277 24.08 7.08 -4.54
C LEU A 277 23.59 7.37 -5.92
N GLN A 278 23.87 6.46 -6.87
CA GLN A 278 23.43 6.66 -8.24
C GLN A 278 21.94 6.47 -8.38
N ASN A 279 21.33 5.58 -7.59
CA ASN A 279 19.85 5.42 -7.71
C ASN A 279 19.16 6.69 -7.27
N TRP A 280 19.78 7.36 -6.28
CA TRP A 280 19.23 8.65 -5.79
C TRP A 280 19.27 9.66 -6.93
N GLU A 281 20.36 9.72 -7.70
CA GLU A 281 20.42 10.64 -8.85
C GLU A 281 19.38 10.26 -9.92
N ALA A 282 19.18 8.93 -10.10
CA ALA A 282 18.17 8.53 -11.11
C ALA A 282 16.81 8.92 -10.60
N ARG A 283 16.54 8.74 -9.30
CA ARG A 283 15.16 9.19 -8.89
C ARG A 283 14.99 10.71 -9.08
N LEU A 284 16.04 11.47 -8.74
CA LEU A 284 15.96 12.95 -8.94
C LEU A 284 15.78 13.19 -10.44
N LEU A 285 16.58 12.50 -11.27
CA LEU A 285 16.41 12.67 -12.71
C LEU A 285 15.00 12.43 -13.15
N LEU A 286 14.33 11.38 -12.69
CA LEU A 286 12.94 11.15 -13.11
C LEU A 286 12.02 12.21 -12.55
N GLU A 287 12.26 12.60 -11.29
CA GLU A 287 11.32 13.62 -10.77
C GLU A 287 11.50 14.96 -11.49
N ARG A 288 12.71 15.24 -11.97
CA ARG A 288 12.88 16.50 -12.70
C ARG A 288 12.20 16.55 -14.04
N SER A 289 11.91 15.39 -14.64
CA SER A 289 11.33 15.28 -15.96
C SER A 289 9.90 15.68 -16.14
N HIS A 290 9.45 15.81 -17.39
CA HIS A 290 8.10 16.18 -17.77
C HIS A 290 7.09 15.05 -17.76
N ALA A 291 7.59 13.81 -17.52
CA ALA A 291 6.61 12.70 -17.52
C ALA A 291 5.80 12.70 -16.22
N ALA A 292 4.56 12.24 -16.24
CA ALA A 292 3.73 12.11 -15.07
C ALA A 292 4.44 11.04 -14.22
N LYS A 293 4.44 11.19 -12.91
CA LYS A 293 5.09 10.30 -11.99
C LYS A 293 4.02 9.65 -11.11
N CYS A 294 4.21 8.36 -10.85
CA CYS A 294 3.30 7.64 -10.02
C CYS A 294 3.94 6.98 -8.83
N PRO A 295 3.96 7.45 -7.63
CA PRO A 295 3.53 8.77 -7.18
C PRO A 295 4.68 9.76 -7.50
N ASP A 296 4.40 11.07 -7.51
CA ASP A 296 5.50 12.04 -7.69
C ASP A 296 6.15 12.10 -6.28
N ILE A 297 7.34 12.61 -6.08
CA ILE A 297 8.02 12.62 -4.81
C ILE A 297 7.28 13.24 -3.63
N ALA A 298 6.47 14.26 -3.87
CA ALA A 298 5.72 14.90 -2.80
C ALA A 298 4.61 13.96 -2.32
N THR A 299 4.05 13.22 -3.26
CA THR A 299 2.94 12.31 -2.98
C THR A 299 3.48 11.10 -2.21
N GLN A 300 4.75 10.77 -2.47
CA GLN A 300 5.37 9.71 -1.72
C GLN A 300 5.55 10.25 -0.29
N LEU A 301 5.90 11.52 -0.11
CA LEU A 301 6.10 12.10 1.24
C LEU A 301 4.73 12.17 1.94
N ALA A 302 3.68 12.39 1.16
CA ALA A 302 2.35 12.39 1.77
C ALA A 302 1.97 11.03 2.32
N GLY A 303 2.71 9.98 1.86
CA GLY A 303 2.34 8.66 2.41
C GLY A 303 3.14 8.32 3.66
N THR A 304 3.96 9.19 4.22
CA THR A 304 4.71 8.85 5.44
C THR A 304 3.77 8.71 6.63
N LYS A 305 4.18 7.90 7.61
CA LYS A 305 3.44 7.64 8.86
C LYS A 305 3.40 8.99 9.66
N LYS A 306 4.44 9.77 9.66
CA LYS A 306 4.51 11.11 10.29
C LYS A 306 3.46 12.00 9.67
N VAL A 307 3.40 12.07 8.32
CA VAL A 307 2.32 12.88 7.73
C VAL A 307 1.00 12.32 8.20
N GLN A 308 0.82 10.98 8.25
CA GLN A 308 -0.46 10.42 8.73
C GLN A 308 -0.78 10.92 10.17
N GLN A 309 0.20 10.86 11.03
CA GLN A 309 0.01 11.31 12.41
C GLN A 309 -0.38 12.79 12.42
N GLU A 310 0.36 13.64 11.73
CA GLU A 310 -0.01 15.06 11.74
C GLU A 310 -1.41 15.40 11.33
N LEU A 311 -1.92 14.69 10.32
CA LEU A 311 -3.25 14.91 9.80
C LEU A 311 -4.35 14.61 10.80
N SER A 312 -4.05 13.95 11.94
CA SER A 312 -5.12 13.65 12.86
C SER A 312 -5.35 14.81 13.87
N ARG A 313 -4.42 15.71 13.97
CA ARG A 313 -4.59 16.87 14.87
C ARG A 313 -5.79 17.75 14.46
N PRO A 314 -6.58 18.16 15.44
CA PRO A 314 -7.78 18.98 15.21
C PRO A 314 -7.47 20.15 14.32
N GLY A 315 -8.41 20.46 13.42
CA GLY A 315 -8.16 21.51 12.43
C GLY A 315 -7.20 21.13 11.31
N MET A 316 -6.43 20.04 11.37
CA MET A 316 -5.54 19.74 10.24
C MET A 316 -6.27 19.30 9.00
N LEU A 317 -7.31 18.48 9.10
CA LEU A 317 -8.06 18.04 7.92
C LEU A 317 -8.72 19.29 7.32
N GLU A 318 -9.34 20.09 8.20
CA GLU A 318 -10.01 21.31 7.82
C GLU A 318 -9.15 22.23 7.01
N MET A 319 -7.90 22.44 7.42
CA MET A 319 -7.02 23.31 6.65
C MET A 319 -6.59 22.71 5.31
N LEU A 320 -6.60 21.37 5.15
CA LEU A 320 -6.14 20.81 3.86
C LEU A 320 -7.25 20.74 2.84
N LEU A 321 -8.48 20.52 3.26
CA LEU A 321 -9.68 20.35 2.50
C LEU A 321 -10.69 21.36 3.08
N PRO A 322 -10.41 22.64 2.84
CA PRO A 322 -11.26 23.67 3.38
C PRO A 322 -12.62 23.62 2.73
N GLY A 323 -13.64 23.77 3.54
CA GLY A 323 -15.01 23.80 3.10
C GLY A 323 -15.62 22.47 2.77
N GLN A 324 -14.95 21.41 3.23
CA GLN A 324 -15.47 20.08 2.94
C GLN A 324 -15.64 19.26 4.21
N PRO A 325 -16.71 19.59 4.93
CA PRO A 325 -17.04 19.00 6.19
C PRO A 325 -17.52 17.57 6.23
N GLU A 326 -18.20 17.09 5.23
CA GLU A 326 -18.68 15.71 5.21
C GLU A 326 -17.46 14.85 4.88
N ALA A 327 -16.65 15.32 3.93
CA ALA A 327 -15.44 14.58 3.56
C ALA A 327 -14.59 14.49 4.82
N VAL A 328 -14.45 15.65 5.47
CA VAL A 328 -13.64 15.72 6.67
C VAL A 328 -14.03 14.70 7.72
N ALA A 329 -15.32 14.58 7.91
CA ALA A 329 -15.93 13.69 8.86
C ALA A 329 -15.73 12.23 8.49
N ARG A 330 -15.95 11.91 7.21
CA ARG A 330 -15.77 10.50 6.82
C ARG A 330 -14.33 10.09 7.11
N LEU A 331 -13.40 10.97 6.77
CA LEU A 331 -11.98 10.70 6.97
C LEU A 331 -11.56 10.55 8.43
N ARG A 332 -12.02 11.52 9.26
CA ARG A 332 -11.73 11.58 10.69
C ARG A 332 -12.32 10.35 11.37
N ALA A 333 -13.50 9.86 10.98
CA ALA A 333 -14.04 8.68 11.66
C ALA A 333 -13.06 7.50 11.60
N THR A 334 -12.19 7.47 10.59
CA THR A 334 -11.27 6.34 10.46
C THR A 334 -9.99 6.49 11.23
N PHE A 335 -9.76 7.64 11.85
CA PHE A 335 -8.50 7.81 12.53
C PHE A 335 -8.44 7.22 13.92
N ALA A 336 -7.39 6.46 14.20
CA ALA A 336 -7.27 5.91 15.55
C ALA A 336 -6.29 6.92 16.21
N GLY A 337 -5.84 6.63 17.41
CA GLY A 337 -4.91 7.54 18.10
C GLY A 337 -3.53 7.56 17.47
N LEU A 338 -3.00 8.73 17.18
CA LEU A 338 -1.71 8.92 16.52
C LEU A 338 -0.95 10.00 17.29
N TYR A 339 0.26 9.73 17.71
CA TYR A 339 1.04 10.61 18.52
C TYR A 339 2.40 11.01 18.02
N SER A 340 2.61 12.34 18.01
CA SER A 340 3.95 12.80 17.61
C SER A 340 4.94 12.37 18.67
N LEU A 341 6.19 12.09 18.33
CA LEU A 341 7.13 11.76 19.38
C LEU A 341 8.19 12.86 19.33
N ASP A 342 7.86 14.03 18.75
CA ASP A 342 8.86 15.11 18.65
C ASP A 342 9.26 15.56 20.05
N VAL A 343 10.36 16.27 20.17
CA VAL A 343 10.76 16.73 21.54
C VAL A 343 9.60 17.58 22.06
N GLY A 344 9.20 17.44 23.31
CA GLY A 344 8.07 18.26 23.76
C GLY A 344 7.18 17.46 24.68
N GLU A 345 6.20 18.14 25.27
CA GLU A 345 5.29 17.52 26.21
C GLU A 345 4.40 16.43 25.63
N GLU A 346 3.86 16.59 24.45
CA GLU A 346 2.97 15.57 23.86
C GLU A 346 3.73 14.25 23.66
N GLY A 347 4.93 14.35 23.11
CA GLY A 347 5.81 13.21 22.85
C GLY A 347 6.16 12.54 24.19
N ASP A 348 6.49 13.36 25.23
CA ASP A 348 6.79 12.74 26.51
C ASP A 348 5.58 11.98 27.05
N GLN A 349 4.39 12.54 26.87
CA GLN A 349 3.21 11.87 27.37
C GLN A 349 2.88 10.54 26.68
N ALA A 350 2.97 10.51 25.37
CA ALA A 350 2.72 9.29 24.55
C ALA A 350 3.70 8.19 24.91
N ILE A 351 4.95 8.63 25.13
CA ILE A 351 5.98 7.67 25.55
C ILE A 351 5.64 7.04 26.90
N ALA A 352 5.15 7.82 27.88
CA ALA A 352 4.77 7.32 29.18
C ALA A 352 3.57 6.40 29.05
N GLU A 353 2.58 6.74 28.23
CA GLU A 353 1.46 5.84 28.02
C GLU A 353 1.92 4.52 27.39
N ALA A 354 2.80 4.59 26.41
CA ALA A 354 3.26 3.36 25.74
C ALA A 354 4.04 2.46 26.71
N LEU A 355 4.82 3.09 27.60
CA LEU A 355 5.59 2.41 28.61
C LEU A 355 4.70 1.82 29.69
N ALA A 356 3.53 2.43 29.94
CA ALA A 356 2.64 1.90 30.94
C ALA A 356 1.78 0.73 30.42
N ALA A 357 1.42 0.76 29.13
CA ALA A 357 0.57 -0.30 28.54
C ALA A 357 1.08 -0.60 27.12
N PRO A 358 2.22 -1.26 27.00
CA PRO A 358 2.87 -1.54 25.74
C PRO A 358 2.11 -2.45 24.80
N SER A 359 1.16 -3.24 25.27
CA SER A 359 0.47 -4.06 24.25
C SER A 359 -0.48 -3.18 23.46
N ARG A 360 -0.76 -1.94 23.88
CA ARG A 360 -1.71 -1.11 23.17
C ARG A 360 -1.25 -0.11 22.15
N PHE A 361 0.03 -0.06 21.83
CA PHE A 361 0.60 0.89 20.90
C PHE A 361 1.58 0.17 19.96
N VAL A 362 1.81 0.91 18.87
CA VAL A 362 2.81 0.43 17.91
C VAL A 362 3.79 1.61 17.66
N LEU A 363 5.05 1.34 17.46
CA LEU A 363 6.03 2.40 17.24
C LEU A 363 6.47 2.32 15.79
N LYS A 364 6.28 3.41 15.03
CA LYS A 364 6.61 3.34 13.61
C LYS A 364 7.60 4.32 12.99
N PRO A 365 8.64 3.84 12.34
CA PRO A 365 9.64 4.64 11.64
C PRO A 365 9.04 5.06 10.31
N GLN A 366 9.68 5.97 9.57
CA GLN A 366 9.09 6.46 8.31
C GLN A 366 9.48 5.50 7.18
N ARG A 367 8.93 4.30 7.29
CA ARG A 367 9.24 3.24 6.32
C ARG A 367 8.01 2.71 5.64
N GLU A 368 8.21 1.75 4.72
CA GLU A 368 7.05 1.25 4.00
C GLU A 368 7.24 -0.21 3.59
N GLY A 369 6.14 -0.95 3.40
CA GLY A 369 6.33 -2.34 2.93
C GLY A 369 6.44 -3.40 3.97
N GLY A 370 6.29 -3.10 5.27
CA GLY A 370 6.31 -4.20 6.23
C GLY A 370 7.67 -4.59 6.76
N GLY A 371 7.67 -5.05 8.02
CA GLY A 371 8.84 -5.51 8.70
C GLY A 371 9.59 -4.42 9.47
N ASN A 372 9.15 -3.18 9.53
CA ASN A 372 9.88 -2.10 10.17
C ASN A 372 9.30 -1.55 11.46
N ASN A 373 8.02 -1.70 11.76
CA ASN A 373 7.50 -1.17 13.00
C ASN A 373 8.00 -1.96 14.20
N LEU A 374 7.79 -1.37 15.40
CA LEU A 374 8.28 -2.05 16.61
C LEU A 374 7.11 -2.24 17.56
N TYR A 375 7.08 -3.37 18.24
CA TYR A 375 5.98 -3.64 19.14
C TYR A 375 6.49 -4.23 20.45
N GLY A 376 5.55 -4.30 21.40
CA GLY A 376 5.84 -4.93 22.69
C GLY A 376 7.23 -4.81 23.24
N GLU A 377 7.96 -5.91 23.49
CA GLU A 377 9.30 -5.85 23.99
C GLU A 377 10.28 -4.97 23.25
N GLU A 378 10.36 -5.02 21.93
CA GLU A 378 11.32 -4.19 21.20
C GLU A 378 10.91 -2.73 21.27
N MET A 379 9.61 -2.48 21.18
CA MET A 379 9.12 -1.14 21.24
C MET A 379 9.51 -0.55 22.63
N VAL A 380 9.26 -1.28 23.71
CA VAL A 380 9.58 -0.81 25.05
C VAL A 380 11.06 -0.47 25.17
N GLN A 381 11.93 -1.39 24.77
CA GLN A 381 13.37 -1.17 24.79
C GLN A 381 13.80 0.04 23.97
N ALA A 382 13.18 0.24 22.80
CA ALA A 382 13.51 1.37 21.95
C ALA A 382 13.06 2.70 22.55
N LEU A 383 11.86 2.69 23.15
CA LEU A 383 11.30 3.87 23.76
C LEU A 383 12.19 4.33 24.91
N LYS A 384 12.72 3.39 25.70
CA LYS A 384 13.57 3.74 26.83
C LYS A 384 14.85 4.42 26.33
N GLN A 385 15.33 4.15 25.12
CA GLN A 385 16.53 4.82 24.60
C GLN A 385 16.15 6.10 23.87
N LEU A 386 15.00 6.13 23.19
CA LEU A 386 14.55 7.28 22.46
C LEU A 386 14.05 8.46 23.32
N LYS A 387 13.52 8.23 24.51
CA LYS A 387 12.95 9.22 25.41
C LYS A 387 13.83 10.48 25.48
N ASP A 388 15.11 10.27 25.72
CA ASP A 388 16.08 11.36 25.83
C ASP A 388 16.90 11.61 24.58
N SER A 389 16.50 11.09 23.42
CA SER A 389 17.29 11.36 22.22
C SER A 389 16.52 12.23 21.23
N GLU A 390 17.22 12.97 20.37
CA GLU A 390 16.65 13.76 19.30
C GLU A 390 16.04 12.78 18.25
N GLU A 391 16.62 11.59 18.18
CA GLU A 391 16.22 10.51 17.29
C GLU A 391 14.76 10.12 17.39
N ARG A 392 14.15 10.33 18.57
CA ARG A 392 12.74 10.09 18.77
C ARG A 392 11.92 10.67 17.65
N ALA A 393 12.33 11.80 17.06
CA ALA A 393 11.54 12.43 16.01
C ALA A 393 11.46 11.58 14.75
N SER A 394 12.24 10.52 14.57
CA SER A 394 12.11 9.70 13.38
C SER A 394 10.88 8.77 13.44
N TYR A 395 10.25 8.69 14.57
CA TYR A 395 9.10 7.81 14.74
C TYR A 395 7.84 8.53 15.12
N ILE A 396 6.77 7.75 15.13
CA ILE A 396 5.48 8.19 15.60
C ILE A 396 4.91 7.03 16.45
N LEU A 397 3.90 7.30 17.26
CA LEU A 397 3.37 6.19 18.08
C LEU A 397 1.91 6.02 17.68
N MET A 398 1.36 4.82 17.70
CA MET A 398 -0.03 4.72 17.31
C MET A 398 -0.78 3.71 18.16
N GLU A 399 -2.06 3.96 18.38
CA GLU A 399 -2.97 3.06 19.10
C GLU A 399 -3.00 1.74 18.35
N LYS A 400 -2.76 0.61 19.01
CA LYS A 400 -2.85 -0.64 18.25
C LYS A 400 -4.31 -1.07 18.09
N ILE A 401 -4.76 -1.41 16.90
CA ILE A 401 -6.14 -1.96 16.76
C ILE A 401 -5.96 -3.46 17.07
N GLU A 402 -6.87 -4.11 17.76
CA GLU A 402 -6.78 -5.53 18.11
C GLU A 402 -8.10 -6.21 17.72
N PRO A 403 -8.30 -6.49 16.44
CA PRO A 403 -9.53 -7.08 15.94
C PRO A 403 -9.83 -8.44 16.53
N GLU A 404 -11.11 -8.82 16.53
CA GLU A 404 -11.43 -10.16 17.04
C GLU A 404 -10.85 -11.20 16.07
N PRO A 405 -10.10 -12.17 16.56
CA PRO A 405 -9.49 -13.22 15.74
C PRO A 405 -10.53 -14.25 15.29
N PHE A 406 -10.35 -14.88 14.14
CA PHE A 406 -11.29 -15.89 13.60
C PHE A 406 -10.43 -16.98 12.96
N GLU A 407 -10.88 -18.22 13.00
CA GLU A 407 -10.05 -19.27 12.40
C GLU A 407 -10.16 -19.31 10.89
N ASN A 408 -9.02 -19.58 10.25
CA ASN A 408 -9.01 -19.75 8.80
C ASN A 408 -7.84 -20.71 8.53
N CYS A 409 -7.52 -20.92 7.26
CA CYS A 409 -6.38 -21.86 7.02
C CYS A 409 -5.46 -21.14 6.05
N LEU A 410 -4.19 -21.09 6.37
CA LEU A 410 -3.29 -20.35 5.46
C LEU A 410 -2.45 -21.33 4.62
N LEU A 411 -2.39 -21.02 3.34
CA LEU A 411 -1.57 -21.82 2.40
C LEU A 411 -0.42 -20.98 1.88
N ARG A 412 0.75 -21.49 2.11
CA ARG A 412 2.00 -20.79 1.70
C ARG A 412 2.89 -21.90 1.12
N PRO A 413 3.49 -21.69 -0.02
CA PRO A 413 4.29 -22.72 -0.68
C PRO A 413 5.38 -23.28 0.20
N GLY A 414 5.56 -24.62 0.28
CA GLY A 414 6.66 -25.11 1.09
C GLY A 414 6.39 -25.34 2.56
N SER A 415 5.17 -24.99 2.97
CA SER A 415 4.78 -25.20 4.36
C SER A 415 3.42 -25.90 4.30
N PRO A 416 3.16 -26.71 5.29
CA PRO A 416 1.89 -27.39 5.34
C PRO A 416 0.74 -26.41 5.57
N ALA A 417 -0.46 -26.74 5.06
CA ALA A 417 -1.63 -25.94 5.29
C ALA A 417 -1.64 -25.67 6.82
N ARG A 418 -1.99 -24.45 7.26
CA ARG A 418 -1.95 -24.16 8.69
C ARG A 418 -3.26 -23.57 9.13
N VAL A 419 -3.96 -24.30 9.98
CA VAL A 419 -5.24 -23.88 10.55
C VAL A 419 -4.86 -23.02 11.77
N VAL A 420 -5.24 -21.75 11.82
CA VAL A 420 -4.90 -20.91 12.94
C VAL A 420 -5.88 -19.73 13.12
N GLN A 421 -5.74 -19.08 14.26
CA GLN A 421 -6.55 -17.87 14.53
C GLN A 421 -5.92 -16.76 13.67
N CYS A 422 -6.71 -15.95 13.00
CA CYS A 422 -6.14 -14.94 12.13
C CYS A 422 -6.84 -13.59 12.28
N ILE A 423 -6.17 -12.55 11.77
CA ILE A 423 -6.91 -11.25 11.78
C ILE A 423 -6.69 -10.67 10.38
N SER A 424 -7.65 -9.89 9.90
CA SER A 424 -7.51 -9.33 8.55
C SER A 424 -7.30 -7.81 8.56
N GLU A 425 -6.87 -7.34 7.41
CA GLU A 425 -6.63 -5.95 7.10
C GLU A 425 -7.29 -5.70 5.75
N LEU A 426 -8.26 -4.84 5.66
CA LEU A 426 -8.96 -4.49 4.44
C LEU A 426 -8.39 -3.23 3.80
N GLY A 427 -7.96 -3.32 2.55
CA GLY A 427 -7.42 -2.28 1.74
C GLY A 427 -8.35 -1.89 0.61
N ILE A 428 -8.39 -0.61 0.24
CA ILE A 428 -9.25 -0.13 -0.87
C ILE A 428 -8.25 0.61 -1.76
N PHE A 429 -8.22 0.30 -3.04
CA PHE A 429 -7.33 0.89 -4.00
C PHE A 429 -7.97 2.17 -4.52
N GLY A 430 -7.10 3.20 -4.56
CA GLY A 430 -7.67 4.47 -5.04
C GLY A 430 -6.97 4.92 -6.31
N VAL A 431 -7.75 5.58 -7.19
CA VAL A 431 -7.08 6.07 -8.39
C VAL A 431 -7.54 7.51 -8.69
N TYR A 432 -6.60 8.40 -8.89
CA TYR A 432 -6.97 9.77 -9.29
C TYR A 432 -5.95 10.33 -10.24
N VAL A 433 -6.41 11.21 -11.14
CA VAL A 433 -5.50 11.84 -12.09
C VAL A 433 -5.95 13.33 -12.19
N ARG A 434 -4.94 14.16 -12.30
CA ARG A 434 -5.11 15.59 -12.40
C ARG A 434 -4.15 16.18 -13.43
N GLN A 435 -4.66 17.11 -14.20
CA GLN A 435 -3.93 17.86 -15.24
C GLN A 435 -3.82 19.25 -14.61
N GLU A 436 -2.59 19.70 -14.40
CA GLU A 436 -2.40 20.99 -13.75
C GLU A 436 -3.10 21.09 -12.40
N LYS A 437 -4.30 21.64 -12.29
CA LYS A 437 -4.94 21.73 -10.97
C LYS A 437 -6.37 21.24 -11.05
N THR A 438 -6.71 20.66 -12.19
CA THR A 438 -8.07 20.15 -12.35
C THR A 438 -8.10 18.63 -12.15
N LEU A 439 -8.80 18.14 -11.14
CA LEU A 439 -8.93 16.70 -10.91
C LEU A 439 -9.74 16.13 -12.08
N VAL A 440 -9.11 15.24 -12.83
CA VAL A 440 -9.78 14.67 -14.02
C VAL A 440 -10.33 13.28 -13.83
N MET A 441 -9.78 12.58 -12.83
CA MET A 441 -10.27 11.26 -12.48
C MET A 441 -10.06 11.13 -10.96
N ASN A 442 -11.03 10.60 -10.24
CA ASN A 442 -10.84 10.39 -8.81
C ASN A 442 -11.67 9.14 -8.50
N LYS A 443 -11.11 7.98 -8.17
CA LYS A 443 -12.04 6.85 -7.94
C LYS A 443 -11.46 5.80 -6.97
N HIS A 444 -12.33 4.93 -6.52
CA HIS A 444 -11.92 3.72 -5.79
C HIS A 444 -11.93 2.63 -6.92
N VAL A 445 -11.04 1.62 -6.93
CA VAL A 445 -11.09 0.66 -8.03
C VAL A 445 -11.20 -0.80 -7.61
N GLY A 446 -11.18 -1.08 -6.31
CA GLY A 446 -11.32 -2.48 -5.88
C GLY A 446 -10.75 -2.59 -4.48
N HIS A 447 -10.70 -3.80 -3.94
CA HIS A 447 -10.19 -3.98 -2.58
C HIS A 447 -9.18 -5.10 -2.49
N LEU A 448 -8.54 -5.22 -1.34
CA LEU A 448 -7.58 -6.23 -1.02
C LEU A 448 -7.70 -6.59 0.46
N LEU A 449 -8.01 -7.82 0.76
CA LEU A 449 -8.10 -8.28 2.12
C LEU A 449 -6.80 -9.04 2.37
N ARG A 450 -6.00 -8.63 3.36
CA ARG A 450 -4.78 -9.36 3.66
C ARG A 450 -5.03 -9.93 5.09
N THR A 451 -4.75 -11.20 5.29
CA THR A 451 -4.94 -11.90 6.56
C THR A 451 -3.69 -12.57 7.05
N LYS A 452 -3.57 -12.65 8.38
CA LYS A 452 -2.34 -13.25 8.93
C LYS A 452 -2.70 -13.97 10.22
N ALA A 453 -1.80 -14.86 10.55
CA ALA A 453 -1.86 -15.67 11.76
C ALA A 453 -1.68 -14.71 12.93
N ILE A 454 -2.45 -14.93 13.99
CA ILE A 454 -2.46 -14.08 15.19
C ILE A 454 -1.15 -13.79 15.87
N GLU A 455 -0.12 -14.60 15.83
CA GLU A 455 1.14 -14.33 16.49
C GLU A 455 2.00 -13.24 15.84
N HIS A 456 1.66 -12.81 14.63
CA HIS A 456 2.44 -11.80 13.94
C HIS A 456 1.98 -10.39 14.32
N ALA A 457 2.88 -9.62 14.92
CA ALA A 457 2.48 -8.23 15.29
C ALA A 457 2.41 -7.39 14.03
N ASP A 458 3.32 -7.59 13.09
CA ASP A 458 3.51 -6.89 11.86
C ASP A 458 2.79 -7.53 10.67
N GLY A 459 3.13 -7.21 9.42
CA GLY A 459 2.34 -7.80 8.32
C GLY A 459 2.90 -7.65 6.94
N GLY A 460 2.05 -7.62 5.90
CA GLY A 460 2.54 -7.50 4.55
C GLY A 460 2.72 -8.88 3.88
N VAL A 461 2.26 -8.94 2.61
CA VAL A 461 2.38 -10.13 1.81
C VAL A 461 3.82 -10.30 1.30
N ALA A 462 4.37 -9.27 0.61
CA ALA A 462 5.74 -9.38 0.11
C ALA A 462 6.71 -9.60 1.26
N ALA A 463 6.46 -9.06 2.44
CA ALA A 463 7.34 -9.26 3.61
C ALA A 463 7.19 -10.68 4.16
N GLY A 464 6.30 -11.54 3.66
CA GLY A 464 6.22 -12.89 4.19
C GLY A 464 5.29 -13.16 5.34
N VAL A 465 4.38 -12.23 5.71
CA VAL A 465 3.52 -12.47 6.84
C VAL A 465 2.07 -12.73 6.46
N ALA A 466 1.45 -11.74 5.85
CA ALA A 466 0.04 -11.87 5.51
C ALA A 466 -0.19 -12.63 4.20
N VAL A 467 -1.42 -13.14 4.01
CA VAL A 467 -1.65 -13.83 2.75
C VAL A 467 -2.83 -13.18 2.09
N LEU A 468 -3.08 -13.42 0.82
CA LEU A 468 -4.20 -12.89 0.07
C LEU A 468 -5.51 -13.57 0.49
N ASP A 469 -6.60 -12.83 0.50
CA ASP A 469 -7.87 -13.28 1.02
C ASP A 469 -8.95 -12.50 0.31
N ASN A 470 -10.20 -12.84 0.64
CA ASN A 470 -11.33 -12.13 0.04
C ASN A 470 -12.37 -11.87 1.12
N PRO A 471 -12.99 -10.72 1.09
CA PRO A 471 -13.96 -10.35 2.10
C PRO A 471 -15.32 -10.97 1.89
N TYR A 472 -15.69 -11.84 2.83
CA TYR A 472 -16.99 -12.51 2.81
C TYR A 472 -17.96 -11.62 3.63
N PRO A 473 -18.80 -10.91 2.94
CA PRO A 473 -19.75 -9.95 3.50
C PRO A 473 -20.80 -10.51 4.43
N VAL A 474 -20.76 -10.05 5.69
CA VAL A 474 -21.70 -10.52 6.70
C VAL A 474 -22.46 -9.39 7.38
MG MG B . 2.81 0.87 3.96
MG MG C . 0.86 -1.61 5.70
S SO4 D . 2.49 -18.35 8.69
O1 SO4 D . 2.31 -19.69 9.30
O2 SO4 D . 1.82 -17.38 9.58
O3 SO4 D . 3.94 -18.02 8.64
O4 SO4 D . 1.92 -18.25 7.31
S SO4 E . 2.28 -2.08 2.61
O1 SO4 E . 1.29 -2.25 3.71
O2 SO4 E . 3.24 -0.99 2.97
O3 SO4 E . 3.06 -3.33 2.48
O4 SO4 E . 1.44 -1.71 1.42
PB ADP F . 3.94 -0.77 6.34
O1B ADP F . 2.90 -1.75 5.95
O2B ADP F . 5.21 -1.24 6.84
O3B ADP F . 3.94 0.49 5.40
PA ADP F . 2.01 -0.47 8.47
O1A ADP F . 1.54 0.69 9.32
O2A ADP F . 0.88 -0.82 7.63
O3A ADP F . 3.35 -0.11 7.74
O5' ADP F . 2.27 -1.68 9.50
C5' ADP F . 2.49 -3.05 9.10
C4' ADP F . 1.52 -4.03 9.74
O4' ADP F . 1.70 -3.97 11.18
C3' ADP F . 0.05 -3.82 9.48
O3' ADP F . -0.44 -4.36 8.23
C2' ADP F . -0.52 -4.49 10.77
O2' ADP F . -0.40 -5.94 10.67
C1' ADP F . 0.49 -4.00 11.83
N9 ADP F . 0.07 -2.71 12.39
C8 ADP F . 0.53 -1.46 12.28
N7 ADP F . -0.22 -0.54 13.00
C5 ADP F . -1.12 -1.31 13.57
C6 ADP F . -2.07 -0.75 14.39
N6 ADP F . -2.09 0.56 14.59
N1 ADP F . -2.87 -1.71 14.91
C2 ADP F . -2.69 -3.01 14.49
N3 ADP F . -1.81 -3.60 13.71
C4 ADP F . -1.01 -2.61 13.25
N1 GSH G . 8.26 -5.47 -5.37
CA1 GSH G . 6.86 -5.45 -4.89
C1 GSH G . 6.15 -4.71 -6.04
O11 GSH G . 6.01 -3.78 -6.95
O12 GSH G . 5.18 -5.55 -6.10
CB1 GSH G . 6.58 -5.05 -3.47
CG1 GSH G . 6.17 -3.59 -3.20
CD1 GSH G . 5.41 -3.43 -1.89
OE1 GSH G . 5.64 -4.30 -1.02
N2 GSH G . 4.51 -2.43 -1.96
CA2 GSH G . 3.86 -2.03 -0.75
C2 GSH G . 2.55 -2.78 -0.72
O2 GSH G . 1.56 -2.60 -1.47
CB2 GSH G . 3.68 -0.47 -0.69
SG2 GSH G . 5.34 0.09 -0.25
N3 GSH G . 2.68 -4.08 -0.29
CA3 GSH G . 1.55 -4.90 -0.02
C3 GSH G . 1.88 -6.28 0.50
O31 GSH G . 1.01 -6.74 1.32
O32 GSH G . 3.11 -6.56 0.62
#